data_2FZH
#
_entry.id   2FZH
#
_cell.length_a   36.871
_cell.length_b   42.924
_cell.length_c   60.925
_cell.angle_alpha   90.00
_cell.angle_beta   95.18
_cell.angle_gamma   90.00
#
_symmetry.space_group_name_H-M   'P 1 21 1'
#
loop_
_entity.id
_entity.type
_entity.pdbx_description
1 polymer 'Dihydrofolate reductase'
2 non-polymer 'NADPH DIHYDRO-NICOTINAMIDE-ADENINE-DINUCLEOTIDE PHOSPHATE'
3 non-polymer 2,4-DIAMINO-5-[2-METHOXY-5-(4-CARBOXYBUTYLOXY)BENZYL]PYRIMIDINE
4 water water
#
_entity_poly.entity_id   1
_entity_poly.type   'polypeptide(L)'
_entity_poly.pdbx_seq_one_letter_code
;MNQQKSLTLIVALTTSYGIGRSNSLPWKLKKEISYFKRVTSFVPTFDSFESMNVVLMGRKTWESIPLQFRPLKGRINVVI
TRNESLDLGNGIHSAKSLDHALELLYRTYGSESSVQINRIFVIGGAQLYKAAMDHPKLDRIMATIIYKDIHCDVFFPLKF
RDKEWSSVWKKEKHSDLESWVGTKVPHGKINEDGFDYEFEMWTRDL
;
_entity_poly.pdbx_strand_id   A
#
loop_
_chem_comp.id
_chem_comp.type
_chem_comp.name
_chem_comp.formula
DH1 non-polymer 2,4-DIAMINO-5-[2-METHOXY-5-(4-CARBOXYBUTYLOXY)BENZYL]PYRIMIDINE 'C17 H22 N4 O4'
NDP non-polymer 'NADPH DIHYDRO-NICOTINAMIDE-ADENINE-DINUCLEOTIDE PHOSPHATE' 'C21 H30 N7 O17 P3'
#
# COMPACT_ATOMS: atom_id res chain seq x y z
N MET A 1 16.39 15.30 5.94
CA MET A 1 15.64 15.40 4.66
C MET A 1 15.44 14.03 4.02
N ASN A 2 14.92 13.09 4.80
CA ASN A 2 14.68 11.74 4.30
C ASN A 2 13.68 11.03 5.21
N GLN A 3 12.83 11.83 5.87
CA GLN A 3 11.82 11.29 6.77
C GLN A 3 10.68 12.26 7.07
N GLN A 4 10.67 13.40 6.39
CA GLN A 4 9.62 14.41 6.60
C GLN A 4 8.32 13.98 5.93
N LYS A 5 7.95 12.72 6.12
CA LYS A 5 6.73 12.18 5.52
C LYS A 5 6.44 10.79 6.09
N SER A 6 5.21 10.56 6.53
CA SER A 6 4.83 9.27 7.09
C SER A 6 4.50 8.29 5.98
N LEU A 7 4.55 7.00 6.28
CA LEU A 7 4.25 5.99 5.29
C LEU A 7 2.93 5.29 5.58
N THR A 8 2.18 5.00 4.53
CA THR A 8 0.91 4.31 4.67
C THR A 8 1.03 2.96 3.98
N LEU A 9 0.52 1.91 4.62
CA LEU A 9 0.57 0.58 4.04
C LEU A 9 -0.84 0.20 3.58
N ILE A 10 -0.97 -0.42 2.41
CA ILE A 10 -2.29 -0.86 1.95
C ILE A 10 -2.22 -2.36 1.64
N VAL A 11 -3.25 -3.10 2.06
CA VAL A 11 -3.25 -4.53 1.88
C VAL A 11 -4.63 -5.15 2.11
N ALA A 12 -4.83 -6.32 1.50
CA ALA A 12 -6.06 -7.08 1.64
C ALA A 12 -5.63 -8.37 2.36
N LEU A 13 -6.28 -8.73 3.46
CA LEU A 13 -5.88 -9.92 4.22
C LEU A 13 -7.03 -10.69 4.86
N THR A 14 -6.86 -12.00 5.06
CA THR A 14 -7.91 -12.82 5.67
C THR A 14 -7.83 -12.69 7.19
N THR A 15 -8.85 -13.21 7.88
CA THR A 15 -8.87 -13.17 9.33
C THR A 15 -7.73 -13.95 10.00
N SER A 16 -6.93 -14.66 9.21
CA SER A 16 -5.79 -15.41 9.75
C SER A 16 -4.52 -14.76 9.16
N TYR A 17 -4.66 -13.49 8.76
CA TYR A 17 -3.56 -12.71 8.19
C TYR A 17 -2.98 -13.26 6.90
N GLY A 18 -3.77 -14.07 6.18
CA GLY A 18 -3.29 -14.62 4.91
C GLY A 18 -3.33 -13.52 3.87
N ILE A 19 -2.24 -13.33 3.14
CA ILE A 19 -2.18 -12.29 2.11
C ILE A 19 -1.81 -12.76 0.72
N GLY A 20 -1.45 -14.05 0.58
CA GLY A 20 -1.08 -14.53 -0.72
C GLY A 20 -0.93 -16.03 -0.83
N ARG A 21 -0.94 -16.52 -2.07
CA ARG A 21 -0.80 -17.94 -2.36
C ARG A 21 0.48 -18.13 -3.17
N SER A 22 0.41 -18.90 -4.25
CA SER A 22 1.56 -19.15 -5.09
C SER A 22 1.95 -17.90 -5.87
N ASN A 23 2.69 -17.01 -5.21
CA ASN A 23 3.14 -15.74 -5.79
C ASN A 23 1.96 -14.98 -6.43
N SER A 24 0.77 -15.14 -5.85
CA SER A 24 -0.41 -14.46 -6.36
C SER A 24 -1.48 -14.38 -5.29
N LEU A 25 -2.67 -13.94 -5.67
CA LEU A 25 -3.79 -13.82 -4.74
C LEU A 25 -4.75 -14.98 -4.88
N PRO A 26 -5.09 -15.63 -3.76
CA PRO A 26 -6.01 -16.77 -3.77
C PRO A 26 -7.47 -16.34 -3.93
N TRP A 27 -7.69 -15.08 -4.30
CA TRP A 27 -9.03 -14.56 -4.51
C TRP A 27 -9.00 -13.58 -5.68
N LYS A 28 -10.17 -13.15 -6.12
CA LYS A 28 -10.24 -12.22 -7.24
C LYS A 28 -11.43 -11.28 -7.10
N LEU A 29 -11.16 -10.09 -6.56
CA LEU A 29 -12.21 -9.09 -6.36
C LEU A 29 -11.93 -7.82 -7.15
N LYS A 30 -12.54 -7.72 -8.31
CA LYS A 30 -12.38 -6.56 -9.17
C LYS A 30 -12.68 -5.25 -8.44
N LYS A 31 -13.72 -5.25 -7.61
CA LYS A 31 -14.10 -4.05 -6.86
C LYS A 31 -13.03 -3.69 -5.84
N GLU A 32 -12.48 -4.72 -5.20
CA GLU A 32 -11.42 -4.52 -4.20
C GLU A 32 -10.26 -3.78 -4.87
N ILE A 33 -9.81 -4.28 -6.03
CA ILE A 33 -8.73 -3.63 -6.78
C ILE A 33 -9.11 -2.21 -7.16
N SER A 34 -10.37 -1.97 -7.46
CA SER A 34 -10.84 -0.64 -7.84
C SER A 34 -10.61 0.31 -6.66
N TYR A 35 -10.83 -0.20 -5.46
CA TYR A 35 -10.61 0.57 -4.25
C TYR A 35 -9.12 0.88 -4.12
N PHE A 36 -8.30 -0.15 -4.33
CA PHE A 36 -6.85 0.00 -4.24
C PHE A 36 -6.42 1.17 -5.11
N LYS A 37 -6.83 1.13 -6.38
CA LYS A 37 -6.50 2.16 -7.36
C LYS A 37 -6.90 3.56 -6.88
N ARG A 38 -8.17 3.70 -6.49
CA ARG A 38 -8.69 4.99 -6.02
C ARG A 38 -7.83 5.52 -4.88
N VAL A 39 -7.66 4.69 -3.86
CA VAL A 39 -6.88 5.11 -2.70
C VAL A 39 -5.46 5.54 -3.04
N THR A 40 -4.72 4.71 -3.76
CA THR A 40 -3.34 5.07 -4.07
C THR A 40 -3.15 6.18 -5.10
N SER A 41 -4.21 6.46 -5.85
CA SER A 41 -4.19 7.47 -6.92
C SER A 41 -4.71 8.84 -6.50
N PHE A 42 -5.66 8.85 -5.57
CA PHE A 42 -6.26 10.10 -5.15
C PHE A 42 -5.33 11.15 -4.57
N VAL A 43 -5.50 12.37 -5.06
CA VAL A 43 -4.76 13.53 -4.62
C VAL A 43 -5.73 14.71 -4.68
N PRO A 44 -5.81 15.50 -3.61
CA PRO A 44 -6.71 16.65 -3.57
C PRO A 44 -6.64 17.42 -4.89
N THR A 45 -7.82 17.76 -5.43
CA THR A 45 -7.90 18.48 -6.69
C THR A 45 -6.91 19.65 -6.81
N PHE A 46 -6.90 20.52 -5.81
CA PHE A 46 -6.01 21.67 -5.84
C PHE A 46 -4.55 21.26 -6.03
N ASP A 47 -4.12 20.25 -5.26
CA ASP A 47 -2.75 19.75 -5.32
C ASP A 47 -2.51 18.84 -6.53
N SER A 48 -3.58 18.21 -7.00
CA SER A 48 -3.46 17.28 -8.13
C SER A 48 -2.80 17.90 -9.36
N PHE A 49 -2.74 19.23 -9.43
CA PHE A 49 -2.12 19.87 -10.57
C PHE A 49 -0.68 19.43 -10.82
N GLU A 50 0.14 19.41 -9.77
CA GLU A 50 1.54 19.01 -9.93
C GLU A 50 2.01 17.97 -8.91
N SER A 51 1.07 17.38 -8.18
CA SER A 51 1.43 16.38 -7.18
C SER A 51 0.88 14.98 -7.48
N MET A 52 1.67 13.96 -7.13
CA MET A 52 1.30 12.57 -7.35
C MET A 52 1.72 11.73 -6.14
N ASN A 53 0.99 10.64 -5.89
CA ASN A 53 1.32 9.75 -4.80
C ASN A 53 2.39 8.78 -5.31
N VAL A 54 2.96 8.02 -4.39
CA VAL A 54 3.99 7.04 -4.71
C VAL A 54 3.58 5.68 -4.18
N VAL A 55 3.83 4.65 -4.97
CA VAL A 55 3.54 3.28 -4.57
C VAL A 55 4.87 2.56 -4.57
N LEU A 56 5.22 2.03 -3.40
CA LEU A 56 6.45 1.29 -3.20
C LEU A 56 6.04 -0.18 -3.14
N MET A 57 6.77 -1.02 -3.87
CA MET A 57 6.47 -2.44 -3.93
C MET A 57 7.71 -3.31 -4.13
N GLY A 58 7.63 -4.56 -3.68
CA GLY A 58 8.73 -5.49 -3.82
C GLY A 58 8.79 -6.00 -5.24
N ARG A 59 9.97 -6.47 -5.65
CA ARG A 59 10.17 -6.96 -7.01
C ARG A 59 9.20 -8.09 -7.37
N LYS A 60 8.93 -8.97 -6.42
CA LYS A 60 8.01 -10.07 -6.70
C LYS A 60 6.60 -9.59 -7.01
N THR A 61 6.13 -8.59 -6.27
CA THR A 61 4.80 -8.05 -6.49
C THR A 61 4.80 -7.36 -7.85
N TRP A 62 5.86 -6.61 -8.14
CA TRP A 62 5.95 -5.92 -9.42
C TRP A 62 5.80 -6.91 -10.59
N GLU A 63 6.34 -8.11 -10.45
CA GLU A 63 6.24 -9.09 -11.52
C GLU A 63 4.87 -9.77 -11.53
N SER A 64 4.30 -9.92 -10.35
CA SER A 64 3.00 -10.57 -10.21
C SER A 64 1.84 -9.73 -10.74
N ILE A 65 2.14 -8.50 -11.15
CA ILE A 65 1.10 -7.62 -11.67
C ILE A 65 1.09 -7.65 -13.20
N PRO A 66 -0.10 -7.76 -13.82
CA PRO A 66 -0.21 -7.80 -15.28
C PRO A 66 0.44 -6.59 -15.95
N LEU A 67 1.12 -6.83 -17.07
CA LEU A 67 1.79 -5.76 -17.81
C LEU A 67 0.83 -4.67 -18.22
N GLN A 68 -0.38 -5.07 -18.62
CA GLN A 68 -1.40 -4.11 -19.05
C GLN A 68 -1.75 -3.09 -17.98
N PHE A 69 -1.45 -3.42 -16.73
CA PHE A 69 -1.75 -2.52 -15.62
C PHE A 69 -0.46 -1.97 -15.00
N ARG A 70 0.67 -2.31 -15.61
CA ARG A 70 1.99 -1.86 -15.15
C ARG A 70 2.65 -0.95 -16.18
N PRO A 71 3.26 0.15 -15.72
CA PRO A 71 3.33 0.52 -14.31
C PRO A 71 2.03 1.18 -13.84
N LEU A 72 1.83 1.26 -12.52
CA LEU A 72 0.60 1.85 -11.99
C LEU A 72 0.53 3.28 -12.47
N LYS A 73 -0.47 3.53 -13.31
CA LYS A 73 -0.67 4.83 -13.91
C LYS A 73 -1.13 5.88 -12.92
N GLY A 74 -0.73 7.12 -13.18
CA GLY A 74 -1.12 8.21 -12.34
C GLY A 74 -0.39 8.24 -11.02
N ARG A 75 0.60 7.36 -10.86
CA ARG A 75 1.38 7.29 -9.63
C ARG A 75 2.87 7.01 -9.92
N ILE A 76 3.72 7.48 -9.02
CA ILE A 76 5.16 7.28 -9.14
C ILE A 76 5.45 5.88 -8.63
N ASN A 77 6.05 5.04 -9.48
CA ASN A 77 6.36 3.66 -9.10
C ASN A 77 7.82 3.49 -8.73
N VAL A 78 8.05 2.72 -7.67
CA VAL A 78 9.40 2.43 -7.19
C VAL A 78 9.44 0.96 -6.77
N VAL A 79 10.33 0.18 -7.38
CA VAL A 79 10.45 -1.22 -7.03
C VAL A 79 11.64 -1.42 -6.10
N ILE A 80 11.41 -2.14 -5.01
CA ILE A 80 12.47 -2.42 -4.04
C ILE A 80 13.10 -3.73 -4.45
N THR A 81 14.40 -3.70 -4.71
CA THR A 81 15.16 -4.92 -5.01
C THR A 81 16.63 -4.81 -4.61
N ARG A 82 17.09 -5.85 -3.72
CA ARG A 82 18.20 -5.63 -2.78
C ARG A 82 19.53 -5.83 -3.53
N ASN A 83 19.43 -6.65 -4.57
CA ASN A 83 20.52 -6.94 -5.56
C ASN A 83 20.07 -6.28 -6.91
N GLU A 84 20.54 -5.00 -7.06
CA GLU A 84 20.16 -3.94 -8.11
C GLU A 84 20.44 -4.18 -9.64
N SER A 85 20.56 -5.42 -10.04
CA SER A 85 20.83 -5.80 -11.45
C SER A 85 20.05 -4.95 -12.47
N LEU A 86 18.81 -5.27 -12.64
CA LEU A 86 18.05 -4.57 -13.65
C LEU A 86 16.63 -4.92 -13.58
N ASP A 87 16.00 -3.89 -13.85
CA ASP A 87 14.66 -3.83 -13.77
C ASP A 87 14.19 -3.60 -15.12
N LEU A 88 13.28 -2.77 -15.10
CA LEU A 88 12.58 -2.44 -16.25
C LEU A 88 11.21 -2.19 -15.75
N GLY A 89 11.02 -0.91 -15.62
CA GLY A 89 9.80 -0.31 -15.15
C GLY A 89 9.81 1.18 -15.49
N ASN A 90 10.07 1.00 -17.01
CA ASN A 90 10.08 2.22 -17.85
C ASN A 90 10.33 3.47 -17.00
N GLY A 91 11.59 3.86 -16.89
CA GLY A 91 11.95 5.06 -16.13
C GLY A 91 11.53 4.86 -14.69
N ILE A 92 11.09 3.63 -14.47
CA ILE A 92 10.63 3.14 -13.16
C ILE A 92 11.80 3.12 -12.18
N HIS A 93 11.61 3.84 -11.10
CA HIS A 93 12.61 3.97 -10.05
C HIS A 93 12.91 2.60 -9.44
N SER A 94 14.19 2.43 -9.09
CA SER A 94 14.68 1.20 -8.49
C SER A 94 15.42 1.55 -7.22
N ALA A 95 15.19 0.81 -6.14
CA ALA A 95 15.88 1.07 -4.86
C ALA A 95 16.17 -0.23 -4.13
N LYS A 96 17.28 -0.29 -3.41
CA LYS A 96 17.66 -1.50 -2.70
C LYS A 96 17.13 -1.64 -1.29
N SER A 97 16.36 -0.65 -0.83
CA SER A 97 15.78 -0.72 0.51
C SER A 97 14.72 0.35 0.62
N LEU A 98 13.97 0.29 1.71
CA LEU A 98 12.90 1.23 1.95
C LEU A 98 13.44 2.66 2.11
N ASP A 99 14.50 2.79 2.91
CA ASP A 99 15.05 4.12 3.12
C ASP A 99 15.75 4.60 1.85
N HIS A 100 16.42 3.69 1.15
CA HIS A 100 17.08 4.03 -0.10
C HIS A 100 16.03 4.53 -1.09
N ALA A 101 14.82 3.97 -1.03
CA ALA A 101 13.78 4.44 -1.93
C ALA A 101 13.35 5.85 -1.55
N LEU A 102 13.22 6.11 -0.26
CA LEU A 102 12.80 7.41 0.22
C LEU A 102 13.77 8.52 -0.20
N GLU A 103 15.06 8.27 0.03
CA GLU A 103 16.12 9.23 -0.32
C GLU A 103 16.15 9.49 -1.83
N LEU A 104 15.96 8.45 -2.63
CA LEU A 104 15.96 8.63 -4.07
C LEU A 104 14.80 9.56 -4.46
N LEU A 105 13.63 9.36 -3.85
CA LEU A 105 12.47 10.19 -4.16
C LEU A 105 12.69 11.64 -3.77
N TYR A 106 13.20 11.87 -2.57
CA TYR A 106 13.44 13.21 -2.07
C TYR A 106 14.47 13.97 -2.88
N ARG A 107 15.29 13.23 -3.63
CA ARG A 107 16.34 13.80 -4.45
C ARG A 107 15.87 13.95 -5.89
N THR A 108 14.97 13.08 -6.29
CA THR A 108 14.44 13.11 -7.64
C THR A 108 13.25 14.05 -7.74
N TYR A 109 12.57 14.28 -6.61
CA TYR A 109 11.40 15.14 -6.58
C TYR A 109 11.51 16.20 -5.49
N GLY A 110 12.42 17.16 -5.67
CA GLY A 110 12.61 18.22 -4.68
C GLY A 110 11.80 19.46 -5.01
N SER A 111 12.31 20.60 -4.56
CA SER A 111 11.65 21.89 -4.79
C SER A 111 11.68 22.33 -6.25
N GLU A 112 12.81 22.10 -6.91
CA GLU A 112 12.95 22.46 -8.32
C GLU A 112 12.20 21.48 -9.22
N SER A 113 11.60 20.46 -8.62
CA SER A 113 10.86 19.46 -9.36
C SER A 113 9.46 19.94 -9.73
N SER A 114 9.10 19.73 -11.00
CA SER A 114 7.79 20.14 -11.50
C SER A 114 6.72 19.20 -10.98
N VAL A 115 7.15 18.04 -10.49
CA VAL A 115 6.26 17.03 -9.94
C VAL A 115 6.55 16.85 -8.46
N GLN A 116 5.55 17.13 -7.61
CA GLN A 116 5.70 17.00 -6.17
C GLN A 116 5.02 15.74 -5.63
N ILE A 117 5.56 15.20 -4.56
CA ILE A 117 5.01 14.00 -3.94
C ILE A 117 3.91 14.36 -2.96
N ASN A 118 2.85 13.56 -2.95
CA ASN A 118 1.73 13.79 -2.04
C ASN A 118 1.81 12.73 -0.96
N ARG A 119 1.42 11.52 -1.28
CA ARG A 119 1.47 10.45 -0.30
C ARG A 119 2.32 9.27 -0.76
N ILE A 120 2.93 8.60 0.19
CA ILE A 120 3.78 7.45 -0.10
C ILE A 120 3.12 6.18 0.42
N PHE A 121 2.83 5.24 -0.47
CA PHE A 121 2.20 3.99 -0.08
C PHE A 121 3.15 2.80 -0.21
N VAL A 122 2.89 1.76 0.59
CA VAL A 122 3.65 0.49 0.54
C VAL A 122 2.55 -0.49 0.10
N ILE A 123 2.71 -1.12 -1.06
CA ILE A 123 1.66 -1.99 -1.58
C ILE A 123 2.06 -3.41 -1.92
N GLY A 124 3.34 -3.67 -2.01
CA GLY A 124 3.73 -5.01 -2.43
C GLY A 124 4.74 -5.82 -1.66
N GLY A 125 4.38 -7.10 -1.53
CA GLY A 125 5.20 -8.07 -0.86
C GLY A 125 5.10 -8.24 0.63
N ALA A 126 5.18 -9.49 1.08
CA ALA A 126 5.12 -9.78 2.50
C ALA A 126 6.48 -9.38 3.07
N GLN A 127 7.52 -9.50 2.24
CA GLN A 127 8.87 -9.11 2.65
C GLN A 127 8.97 -7.62 2.85
N LEU A 128 8.41 -6.86 1.90
CA LEU A 128 8.41 -5.39 1.99
C LEU A 128 7.54 -5.00 3.15
N TYR A 129 6.45 -5.73 3.33
CA TYR A 129 5.53 -5.45 4.43
C TYR A 129 6.30 -5.56 5.74
N LYS A 130 7.15 -6.57 5.86
CA LYS A 130 7.93 -6.74 7.09
C LYS A 130 8.77 -5.50 7.34
N ALA A 131 9.46 -5.02 6.31
CA ALA A 131 10.30 -3.84 6.45
C ALA A 131 9.47 -2.61 6.84
N ALA A 132 8.33 -2.43 6.20
CA ALA A 132 7.46 -1.28 6.51
C ALA A 132 7.01 -1.29 7.96
N MET A 133 6.54 -2.44 8.44
CA MET A 133 6.04 -2.53 9.81
C MET A 133 7.11 -2.21 10.87
N ASP A 134 8.37 -2.42 10.52
CA ASP A 134 9.49 -2.11 11.40
C ASP A 134 9.96 -0.68 11.19
N HIS A 135 9.49 -0.03 10.12
CA HIS A 135 9.92 1.34 9.85
C HIS A 135 9.27 2.32 10.81
N PRO A 136 10.06 3.24 11.38
CA PRO A 136 9.51 4.23 12.33
C PRO A 136 8.55 5.28 11.75
N LYS A 137 8.41 5.32 10.43
CA LYS A 137 7.50 6.29 9.82
C LYS A 137 6.17 5.70 9.37
N LEU A 138 6.01 4.39 9.50
CA LEU A 138 4.78 3.69 9.11
C LEU A 138 3.72 3.91 10.20
N ASP A 139 2.69 4.72 9.93
CA ASP A 139 1.67 4.98 10.96
C ASP A 139 0.23 4.64 10.56
N ARG A 140 0.04 4.19 9.33
CA ARG A 140 -1.31 3.92 8.84
C ARG A 140 -1.43 2.67 7.96
N ILE A 141 -2.50 1.92 8.19
CA ILE A 141 -2.78 0.72 7.43
C ILE A 141 -4.17 0.74 6.78
N MET A 142 -4.22 0.70 5.45
CA MET A 142 -5.47 0.63 4.69
C MET A 142 -5.60 -0.87 4.53
N ALA A 143 -6.49 -1.46 5.32
CA ALA A 143 -6.63 -2.90 5.26
C ALA A 143 -8.00 -3.31 4.77
N THR A 144 -8.03 -4.34 3.93
CA THR A 144 -9.30 -4.87 3.46
C THR A 144 -9.37 -6.25 4.13
N ILE A 145 -10.22 -6.40 5.14
CA ILE A 145 -10.35 -7.67 5.85
C ILE A 145 -11.32 -8.61 5.11
N ILE A 146 -10.83 -9.81 4.80
CA ILE A 146 -11.58 -10.83 4.11
C ILE A 146 -12.05 -11.86 5.13
N TYR A 147 -13.36 -11.98 5.33
CA TYR A 147 -13.91 -12.90 6.34
C TYR A 147 -14.02 -14.34 5.86
N LYS A 148 -12.86 -14.88 5.52
CA LYS A 148 -12.77 -16.23 5.03
C LYS A 148 -11.32 -16.69 5.23
N ASP A 149 -11.15 -17.84 5.87
CA ASP A 149 -9.82 -18.37 6.13
C ASP A 149 -9.32 -19.09 4.88
N ILE A 150 -9.15 -18.34 3.79
CA ILE A 150 -8.67 -18.88 2.52
C ILE A 150 -7.25 -19.43 2.70
N HIS A 151 -6.94 -20.53 2.03
CA HIS A 151 -5.61 -21.09 2.16
C HIS A 151 -4.58 -20.15 1.54
N CYS A 152 -3.56 -19.78 2.31
CA CYS A 152 -2.50 -18.91 1.82
C CYS A 152 -1.19 -19.53 2.26
N ASP A 153 -0.09 -19.15 1.61
CA ASP A 153 1.24 -19.67 1.97
C ASP A 153 2.11 -18.51 2.48
N VAL A 154 1.63 -17.29 2.24
CA VAL A 154 2.32 -16.08 2.70
C VAL A 154 1.39 -15.31 3.66
N PHE A 155 1.98 -14.74 4.70
CA PHE A 155 1.20 -14.02 5.68
C PHE A 155 1.71 -12.62 6.02
N PHE A 156 0.82 -11.78 6.56
CA PHE A 156 1.19 -10.42 6.95
C PHE A 156 2.07 -10.57 8.19
N PRO A 157 3.18 -9.82 8.26
CA PRO A 157 4.15 -9.87 9.37
C PRO A 157 3.70 -9.54 10.81
N LEU A 158 2.70 -8.70 10.99
CA LEU A 158 2.28 -8.33 12.33
C LEU A 158 0.76 -8.32 12.49
N LYS A 159 0.28 -8.90 13.60
CA LYS A 159 -1.15 -8.98 13.87
C LYS A 159 -1.73 -7.71 14.49
N PHE A 160 -1.73 -6.64 13.70
CA PHE A 160 -2.22 -5.38 14.17
C PHE A 160 -3.66 -5.35 14.67
N ARG A 161 -4.50 -6.30 14.24
CA ARG A 161 -5.91 -6.30 14.66
C ARG A 161 -6.17 -7.15 15.91
N ASP A 162 -5.12 -7.80 16.42
CA ASP A 162 -5.21 -8.66 17.61
C ASP A 162 -5.05 -7.89 18.92
N LYS A 163 -5.56 -8.46 19.99
CA LYS A 163 -5.49 -7.87 21.32
C LYS A 163 -4.08 -7.40 21.71
N GLU A 164 -3.07 -8.27 21.59
CA GLU A 164 -1.70 -7.91 21.95
C GLU A 164 -1.21 -6.58 21.36
N TRP A 165 -1.80 -6.15 20.25
CA TRP A 165 -1.39 -4.90 19.62
C TRP A 165 -2.44 -3.80 19.72
N SER A 166 -3.49 -4.06 20.51
CA SER A 166 -4.59 -3.13 20.66
C SER A 166 -4.23 -1.79 21.31
N SER A 167 -3.06 -1.68 21.95
CA SER A 167 -2.70 -0.41 22.55
C SER A 167 -1.90 0.43 21.53
N VAL A 168 -1.37 -0.20 20.49
CA VAL A 168 -0.61 0.51 19.46
C VAL A 168 -1.44 0.77 18.21
N TRP A 169 -2.10 -0.26 17.73
CA TRP A 169 -2.92 -0.06 16.53
C TRP A 169 -4.37 0.09 16.89
N LYS A 170 -4.97 1.15 16.36
CA LYS A 170 -6.38 1.47 16.61
C LYS A 170 -7.14 1.56 15.29
N LYS A 171 -8.38 1.11 15.31
CA LYS A 171 -9.23 1.16 14.12
C LYS A 171 -10.03 2.46 14.09
N GLU A 172 -9.86 3.22 13.01
CA GLU A 172 -10.56 4.49 12.86
C GLU A 172 -12.02 4.30 12.45
N LYS A 173 -12.80 5.37 12.62
CA LYS A 173 -14.21 5.36 12.25
C LYS A 173 -14.28 5.46 10.74
N HIS A 174 -15.36 4.96 10.15
CA HIS A 174 -15.47 5.02 8.70
C HIS A 174 -15.42 6.45 8.21
N SER A 175 -16.12 7.35 8.91
CA SER A 175 -16.12 8.74 8.49
C SER A 175 -14.67 9.25 8.39
N ASP A 176 -13.82 8.94 9.38
CA ASP A 176 -12.43 9.40 9.32
C ASP A 176 -11.68 8.74 8.15
N LEU A 177 -12.08 7.54 7.79
CA LEU A 177 -11.44 6.83 6.68
C LEU A 177 -11.76 7.59 5.39
N GLU A 178 -13.04 7.81 5.12
CA GLU A 178 -13.46 8.54 3.91
C GLU A 178 -12.82 9.92 3.86
N SER A 179 -12.62 10.52 5.02
CA SER A 179 -12.02 11.84 5.12
C SER A 179 -10.55 11.82 4.73
N TRP A 180 -9.82 10.80 5.19
CA TRP A 180 -8.40 10.70 4.88
C TRP A 180 -8.21 10.34 3.41
N VAL A 181 -9.03 9.41 2.94
CA VAL A 181 -8.97 8.98 1.56
C VAL A 181 -9.26 10.14 0.63
N GLY A 182 -10.32 10.87 0.93
CA GLY A 182 -10.67 12.01 0.10
C GLY A 182 -12.07 11.94 -0.45
N THR A 183 -12.57 10.74 -0.70
CA THR A 183 -13.92 10.59 -1.23
C THR A 183 -14.72 9.61 -0.39
N LYS A 184 -15.93 9.30 -0.86
CA LYS A 184 -16.81 8.39 -0.17
C LYS A 184 -16.30 6.96 -0.41
N VAL A 185 -16.40 6.11 0.61
CA VAL A 185 -15.95 4.72 0.49
C VAL A 185 -17.03 3.77 1.01
N PRO A 186 -17.25 2.64 0.30
CA PRO A 186 -18.24 1.65 0.67
C PRO A 186 -18.11 1.24 2.14
N HIS A 187 -19.17 1.41 2.90
CA HIS A 187 -19.14 1.05 4.32
C HIS A 187 -19.84 -0.27 4.52
N GLY A 188 -19.40 -1.03 5.51
CA GLY A 188 -20.03 -2.31 5.79
C GLY A 188 -19.46 -3.46 4.99
N LYS A 189 -20.08 -4.62 5.12
CA LYS A 189 -19.62 -5.81 4.42
C LYS A 189 -20.00 -5.86 2.94
N ILE A 190 -19.06 -6.34 2.14
CA ILE A 190 -19.23 -6.47 0.70
C ILE A 190 -19.08 -7.94 0.32
N ASN A 191 -19.93 -8.40 -0.58
CA ASN A 191 -19.90 -9.78 -1.00
C ASN A 191 -19.53 -9.90 -2.47
N GLU A 192 -18.29 -10.28 -2.72
CA GLU A 192 -17.79 -10.46 -4.08
C GLU A 192 -17.24 -11.89 -4.18
N ASP A 193 -17.87 -12.70 -5.02
CA ASP A 193 -17.45 -14.08 -5.22
C ASP A 193 -17.49 -14.96 -3.97
N GLY A 194 -18.67 -15.05 -3.37
CA GLY A 194 -18.86 -15.87 -2.19
C GLY A 194 -18.03 -15.44 -1.00
N PHE A 195 -17.35 -14.31 -1.13
CA PHE A 195 -16.50 -13.79 -0.07
C PHE A 195 -17.07 -12.51 0.53
N ASP A 196 -17.01 -12.40 1.84
CA ASP A 196 -17.49 -11.20 2.54
C ASP A 196 -16.24 -10.46 3.03
N TYR A 197 -16.17 -9.15 2.75
CA TYR A 197 -15.04 -8.32 3.16
C TYR A 197 -15.45 -6.87 3.36
N GLU A 198 -14.62 -6.10 4.07
CA GLU A 198 -14.92 -4.69 4.29
C GLU A 198 -13.65 -3.86 4.44
N PHE A 199 -13.76 -2.57 4.19
CA PHE A 199 -12.61 -1.69 4.28
C PHE A 199 -12.43 -1.10 5.68
N GLU A 200 -11.19 -1.11 6.16
CA GLU A 200 -10.90 -0.54 7.46
C GLU A 200 -9.61 0.26 7.37
N MET A 201 -9.47 1.25 8.23
CA MET A 201 -8.25 2.03 8.29
C MET A 201 -7.75 1.97 9.72
N TRP A 202 -6.48 1.60 9.90
CA TRP A 202 -5.89 1.53 11.25
C TRP A 202 -4.70 2.46 11.36
N THR A 203 -4.48 3.04 12.54
CA THR A 203 -3.36 3.95 12.71
C THR A 203 -2.68 3.75 14.05
N ARG A 204 -1.46 4.28 14.17
CA ARG A 204 -0.69 4.23 15.40
C ARG A 204 0.15 5.49 15.51
N ASP A 205 0.36 5.96 16.73
CA ASP A 205 1.16 7.15 16.90
C ASP A 205 2.61 6.79 16.55
N LEU A 206 3.32 7.76 15.96
CA LEU A 206 4.71 7.60 15.57
C LEU A 206 5.60 7.67 16.82
PA NDP B . 7.84 -9.06 -2.29
O1A NDP B . 8.12 -8.41 -1.17
O2A NDP B . 7.21 -8.34 -3.28
O5B NDP B . 9.06 -9.85 -2.93
C5B NDP B . 10.39 -9.83 -2.20
C4B NDP B . 11.53 -9.51 -3.09
O4B NDP B . 11.43 -8.07 -3.19
C3B NDP B . 12.89 -9.64 -2.50
O3B NDP B . 13.28 -10.82 -3.05
C2B NDP B . 13.71 -8.40 -2.99
O2B NDP B . 14.19 -8.37 -4.31
C1B NDP B . 12.59 -7.36 -2.67
N9A NDP B . 12.48 -6.80 -1.30
C8A NDP B . 11.41 -6.88 -0.42
N7A NDP B . 11.56 -6.32 0.72
C5A NDP B . 12.88 -5.81 0.58
C6A NDP B . 13.74 -5.09 1.40
N6A NDP B . 13.28 -4.73 2.63
N1A NDP B . 15.06 -4.70 1.01
C2A NDP B . 15.54 -5.07 -0.27
N3A NDP B . 14.68 -5.80 -1.13
C4A NDP B . 13.41 -6.14 -0.64
O3 NDP B . 6.89 -10.22 -2.14
PN NDP B . 6.76 -11.53 -1.26
O1N NDP B . 7.46 -12.50 -1.89
O2N NDP B . 7.28 -11.25 0.00
O5D NDP B . 5.25 -11.91 -1.28
C5D NDP B . 4.63 -12.19 -2.32
C4D NDP B . 3.20 -12.52 -1.91
O4D NDP B . 2.53 -11.27 -1.30
C3D NDP B . 2.20 -12.96 -3.09
O3D NDP B . 1.18 -13.98 -2.89
C2D NDP B . 1.67 -11.60 -3.50
O2D NDP B . 0.48 -11.55 -4.26
C1D NDP B . 1.30 -11.14 -2.08
N1N NDP B . 0.70 -9.75 -1.99
C2N NDP B . -0.62 -9.67 -1.36
C3N NDP B . -1.22 -8.42 -1.24
C7N NDP B . -2.50 -8.38 -0.62
O7N NDP B . -2.91 -7.22 -0.56
N7N NDP B . -3.07 -9.51 -0.17
C4N NDP B . -0.40 -7.27 -1.80
C5N NDP B . 0.92 -7.36 -2.43
C6N NDP B . 1.45 -8.62 -2.50
P2B NDP B . 15.26 -9.14 -5.07
O1X NDP B . 14.98 -10.55 -4.81
O2X NDP B . 15.18 -8.58 -6.40
O3X NDP B . 16.42 -8.55 -4.26
C16 DH1 C . -1.19 -8.37 -5.24
O1 DH1 C . -2.33 -7.53 -5.01
C2' DH1 C . -2.66 -6.66 -6.07
C3' DH1 C . -3.09 -7.19 -7.32
C4' DH1 C . -3.43 -6.35 -8.42
C5' DH1 C . -3.34 -4.97 -8.24
O5' DH1 C . -3.68 -4.15 -9.32
C52 DH1 C . -2.71 -3.13 -9.67
C1 DH1 C . -3.02 -2.59 -11.11
C3 DH1 C . -4.55 -2.42 -11.45
C7 DH1 C . -5.30 -1.40 -10.60
C8 DH1 C . -4.59 -0.05 -10.53
O9 DH1 C . -4.20 0.38 -9.46
O10 DH1 C . -4.41 0.60 -11.55
C6' DH1 C . -2.91 -4.39 -6.97
C1' DH1 C . -2.58 -5.25 -5.89
C51 DH1 C . -2.12 -4.69 -4.51
C5 DH1 C . -3.25 -4.45 -3.47
C6 DH1 C . -4.64 -4.69 -3.71
N1 DH1 C . -5.59 -4.46 -2.73
C2 DH1 C . -5.24 -3.99 -1.51
N2 DH1 C . -6.23 -3.76 -0.51
N3 DH1 C . -3.94 -3.74 -1.21
C4 DH1 C . -2.92 -3.96 -2.18
N4 DH1 C . -1.67 -3.70 -1.85
#